data_2P1T
#
_entry.id   2P1T
#
_cell.length_a   64.150
_cell.length_b   64.150
_cell.length_c   112.692
_cell.angle_alpha   90.00
_cell.angle_beta   90.00
_cell.angle_gamma   90.00
#
_symmetry.space_group_name_H-M   'P 43 21 2'
#
loop_
_entity.id
_entity.type
_entity.pdbx_description
1 polymer 'Retinoic acid receptor RXR-alpha'
2 polymer 'Nuclear receptor coactivator 2 peptide'
3 non-polymer '(2E)-3-[4-HYDROXY-3-(3-METHOXY-5,5,8,8-TETRAMETHYL-5,6,7,8-TETRAHYDRONAPHTHALEN-2-YL)PHENYL]ACRYLIC ACID'
4 water water
#
loop_
_entity_poly.entity_id
_entity_poly.type
_entity_poly.pdbx_seq_one_letter_code
_entity_poly.pdbx_strand_id
1 'polypeptide(L)'
;TSSANEDMPVERILEAELAVEPKTETYVEANMGLNPSSPNDPVTNICQAADKQLFTLVEWAKRIPHFSELPLDDQVILLR
AGWNELLIASFSHRSIAVKDGILLATGLHVHRNSAHSAGVGAIFDRVLTELVSKMRDMQMDKTELGCLRAIVLFNPDSKG
LSNPAEVEALREKVYASLEAYCKHKYPEQPGRFAKLLLRLPALRSIGLKCLEHLFFFKLIGDTPIDTFLMEMLEAPHQMT
;
A
2 'polypeptide(L)' KHKILHRLLQDSS B
#
loop_
_chem_comp.id
_chem_comp.type
_chem_comp.name
_chem_comp.formula
3TN non-polymer '(2E)-3-[4-HYDROXY-3-(3-METHOXY-5,5,8,8-TETRAMETHYL-5,6,7,8-TETRAHYDRONAPHTHALEN-2-YL)PHENYL]ACRYLIC ACID' 'C24 H28 O4'
#
# COMPACT_ATOMS: atom_id res chain seq x y z
N ASP A 7 2.45 3.81 22.36
CA ASP A 7 1.24 4.62 22.00
C ASP A 7 1.12 4.75 20.48
N MET A 8 -0.11 4.65 19.97
CA MET A 8 -0.36 4.66 18.52
C MET A 8 -1.65 5.44 18.16
N PRO A 9 -1.60 6.78 18.22
CA PRO A 9 -2.79 7.61 17.99
C PRO A 9 -3.20 7.64 16.52
N VAL A 10 -4.49 7.40 16.26
CA VAL A 10 -5.03 7.47 14.91
C VAL A 10 -4.83 8.85 14.28
N GLU A 11 -4.74 9.88 15.12
CA GLU A 11 -4.54 11.25 14.64
C GLU A 11 -3.22 11.37 13.88
N ARG A 12 -2.19 10.70 14.40
CA ARG A 12 -0.86 10.74 13.80
C ARG A 12 -0.86 9.97 12.47
N ILE A 13 -1.63 8.89 12.44
CA ILE A 13 -1.71 8.06 11.25
C ILE A 13 -2.46 8.79 10.13
N LEU A 14 -3.58 9.43 10.48
CA LEU A 14 -4.30 10.29 9.54
C LEU A 14 -3.40 11.40 9.00
N GLU A 15 -2.63 12.03 9.89
CA GLU A 15 -1.66 13.07 9.50
C GLU A 15 -0.63 12.58 8.50
N ALA A 16 -0.18 11.33 8.66
CA ALA A 16 0.75 10.72 7.73
C ALA A 16 0.14 10.62 6.32
N GLU A 17 -1.12 10.16 6.26
CA GLU A 17 -1.87 10.11 5.00
C GLU A 17 -2.02 11.49 4.36
N LEU A 18 -2.47 12.45 5.15
CA LEU A 18 -2.72 13.80 4.63
C LEU A 18 -1.42 14.47 4.17
N ALA A 19 -0.31 14.16 4.83
CA ALA A 19 0.98 14.77 4.49
C ALA A 19 1.49 14.38 3.12
N VAL A 20 1.18 13.17 2.69
CA VAL A 20 1.73 12.60 1.46
C VAL A 20 0.81 12.67 0.23
N GLU A 21 -0.45 13.08 0.43
CA GLU A 21 -1.40 13.29 -0.67
C GLU A 21 -0.87 14.21 -1.78
N ASP A 41 1.83 3.15 -23.69
CA ASP A 41 0.61 2.43 -23.35
C ASP A 41 0.31 2.64 -21.85
N PRO A 42 -0.84 2.13 -21.35
CA PRO A 42 -1.10 2.35 -19.92
C PRO A 42 -0.05 1.76 -18.98
N VAL A 43 0.53 0.62 -19.35
CA VAL A 43 1.53 -0.04 -18.49
C VAL A 43 2.75 0.84 -18.20
N THR A 44 3.24 1.53 -19.23
CA THR A 44 4.35 2.48 -19.03
C THR A 44 3.99 3.55 -17.99
N ASN A 45 2.80 4.15 -18.13
CA ASN A 45 2.33 5.19 -17.21
C ASN A 45 2.14 4.64 -15.80
N ILE A 46 1.62 3.42 -15.71
CA ILE A 46 1.43 2.75 -14.41
C ILE A 46 2.75 2.54 -13.66
N CYS A 47 3.75 2.00 -14.37
CA CYS A 47 5.09 1.83 -13.80
C CYS A 47 5.75 3.15 -13.39
N GLN A 48 5.53 4.20 -14.19
CA GLN A 48 6.02 5.55 -13.86
C GLN A 48 5.44 6.03 -12.54
N ALA A 49 4.12 5.88 -12.39
CA ALA A 49 3.42 6.22 -11.14
C ALA A 49 3.92 5.40 -9.95
N ALA A 50 4.12 4.10 -10.14
CA ALA A 50 4.64 3.23 -9.08
C ALA A 50 6.00 3.73 -8.57
N ASP A 51 6.91 4.00 -9.49
CA ASP A 51 8.25 4.49 -9.12
C ASP A 51 8.16 5.82 -8.37
N LYS A 52 7.31 6.71 -8.87
CA LYS A 52 7.11 8.02 -8.26
C LYS A 52 6.68 7.85 -6.80
N GLN A 53 5.69 6.99 -6.60
CA GLN A 53 5.12 6.81 -5.27
C GLN A 53 6.00 6.07 -4.27
N LEU A 54 6.99 5.33 -4.77
CA LEU A 54 7.94 4.68 -3.85
C LEU A 54 8.73 5.73 -3.03
N PHE A 55 9.09 6.84 -3.66
CA PHE A 55 9.76 7.93 -2.93
C PHE A 55 8.88 8.50 -1.83
N THR A 56 7.61 8.73 -2.16
CA THR A 56 6.62 9.27 -1.22
C THR A 56 6.29 8.25 -0.13
N LEU A 57 6.36 6.97 -0.47
CA LEU A 57 6.07 5.91 0.51
C LEU A 57 7.05 5.94 1.68
N VAL A 58 8.32 6.20 1.38
CA VAL A 58 9.33 6.32 2.43
C VAL A 58 9.00 7.50 3.35
N GLU A 59 8.57 8.61 2.76
CA GLU A 59 8.13 9.77 3.55
C GLU A 59 6.92 9.47 4.43
N TRP A 60 5.97 8.73 3.88
CA TRP A 60 4.81 8.25 4.64
C TRP A 60 5.24 7.39 5.85
N ALA A 61 6.07 6.38 5.62
CA ALA A 61 6.47 5.43 6.68
C ALA A 61 7.17 6.12 7.85
N LYS A 62 8.02 7.09 7.56
CA LYS A 62 8.72 7.86 8.59
C LYS A 62 7.77 8.64 9.50
N ARG A 63 6.56 8.88 9.00
CA ARG A 63 5.55 9.65 9.74
C ARG A 63 4.64 8.74 10.57
N ILE A 64 4.76 7.43 10.38
CA ILE A 64 4.02 6.48 11.20
C ILE A 64 4.75 6.28 12.53
N PRO A 65 4.04 6.49 13.66
CA PRO A 65 4.68 6.40 14.98
C PRO A 65 5.57 5.17 15.14
N HIS A 66 6.80 5.39 15.61
CA HIS A 66 7.76 4.33 16.02
C HIS A 66 8.49 3.62 14.89
N PHE A 67 8.05 3.82 13.65
CA PHE A 67 8.73 3.18 12.52
C PHE A 67 10.20 3.61 12.40
N SER A 68 10.42 4.92 12.44
CA SER A 68 11.78 5.49 12.32
C SER A 68 12.74 5.08 13.44
N GLU A 69 12.20 4.58 14.55
CA GLU A 69 13.03 4.13 15.67
C GLU A 69 13.40 2.64 15.60
N LEU A 70 12.79 1.91 14.66
CA LEU A 70 13.23 0.55 14.36
C LEU A 70 14.64 0.58 13.77
N PRO A 71 15.40 -0.53 13.90
CA PRO A 71 16.71 -0.61 13.25
C PRO A 71 16.58 -0.33 11.75
N LEU A 72 17.56 0.35 11.18
CA LEU A 72 17.53 0.68 9.75
C LEU A 72 17.28 -0.57 8.91
N ASP A 73 17.95 -1.68 9.24
CA ASP A 73 17.78 -2.88 8.43
C ASP A 73 16.37 -3.43 8.50
N ASP A 74 15.71 -3.24 9.65
CA ASP A 74 14.32 -3.68 9.81
C ASP A 74 13.36 -2.79 9.03
N GLN A 75 13.59 -1.47 9.06
CA GLN A 75 12.83 -0.54 8.22
C GLN A 75 12.91 -0.93 6.74
N VAL A 76 14.12 -1.29 6.31
CA VAL A 76 14.35 -1.77 4.92
C VAL A 76 13.53 -3.03 4.63
N ILE A 77 13.62 -4.01 5.53
CA ILE A 77 12.87 -5.27 5.39
C ILE A 77 11.36 -5.03 5.29
N LEU A 78 10.82 -4.20 6.19
CA LEU A 78 9.39 -3.92 6.20
C LEU A 78 8.91 -3.23 4.92
N LEU A 79 9.67 -2.26 4.42
CA LEU A 79 9.28 -1.59 3.18
C LEU A 79 9.44 -2.47 1.95
N ARG A 80 10.50 -3.27 1.90
CA ARG A 80 10.66 -4.20 0.78
C ARG A 80 9.57 -5.28 0.73
N ALA A 81 9.10 -5.69 1.90
CA ALA A 81 8.04 -6.68 2.01
C ALA A 81 6.69 -6.09 1.67
N GLY A 82 6.45 -4.85 2.09
CA GLY A 82 5.10 -4.27 2.02
C GLY A 82 4.77 -3.25 0.96
N TRP A 83 5.78 -2.79 0.22
CA TRP A 83 5.60 -1.60 -0.64
C TRP A 83 4.46 -1.76 -1.64
N ASN A 84 4.32 -2.93 -2.25
CA ASN A 84 3.31 -3.09 -3.27
C ASN A 84 1.90 -3.04 -2.72
N GLU A 85 1.66 -3.78 -1.64
CA GLU A 85 0.38 -3.70 -0.91
C GLU A 85 0.10 -2.28 -0.43
N LEU A 86 1.12 -1.64 0.14
CA LEU A 86 0.98 -0.25 0.59
C LEU A 86 0.56 0.72 -0.52
N LEU A 87 1.21 0.60 -1.68
CA LEU A 87 0.89 1.49 -2.78
C LEU A 87 -0.44 1.16 -3.45
N ILE A 88 -0.76 -0.13 -3.55
CA ILE A 88 -2.04 -0.57 -4.13
C ILE A 88 -3.23 -0.09 -3.27
N ALA A 89 -3.12 -0.22 -1.96
CA ALA A 89 -4.15 0.30 -1.05
C ALA A 89 -4.38 1.79 -1.27
N SER A 90 -3.28 2.53 -1.45
CA SER A 90 -3.37 3.97 -1.66
C SER A 90 -4.05 4.35 -2.96
N PHE A 91 -3.62 3.78 -4.09
CA PHE A 91 -4.29 4.16 -5.36
C PHE A 91 -5.73 3.67 -5.48
N SER A 92 -6.02 2.54 -4.84
CA SER A 92 -7.38 2.02 -4.80
C SER A 92 -8.29 2.99 -4.04
N HIS A 93 -7.86 3.48 -2.89
CA HIS A 93 -8.68 4.42 -2.12
C HIS A 93 -8.81 5.76 -2.82
N ARG A 94 -7.73 6.19 -3.49
CA ARG A 94 -7.76 7.41 -4.31
C ARG A 94 -8.83 7.36 -5.41
N SER A 95 -9.17 6.13 -5.83
CA SER A 95 -10.04 5.87 -6.98
C SER A 95 -11.51 5.64 -6.65
N ILE A 96 -11.92 5.82 -5.40
CA ILE A 96 -13.29 5.46 -5.01
C ILE A 96 -14.40 6.25 -5.72
N ALA A 97 -14.08 7.44 -6.23
CA ALA A 97 -15.09 8.25 -6.92
C ALA A 97 -14.95 8.17 -8.44
N VAL A 98 -14.01 7.34 -8.88
CA VAL A 98 -13.78 7.05 -10.30
C VAL A 98 -14.67 5.90 -10.73
N LYS A 99 -15.33 6.05 -11.87
CA LYS A 99 -16.16 4.99 -12.42
C LYS A 99 -15.32 4.01 -13.25
N ASP A 100 -15.31 2.76 -12.81
CA ASP A 100 -14.63 1.66 -13.52
C ASP A 100 -13.18 1.98 -13.91
N GLY A 101 -12.46 2.66 -13.03
CA GLY A 101 -11.09 3.03 -13.33
C GLY A 101 -10.28 3.35 -12.09
N ILE A 102 -9.02 3.71 -12.31
CA ILE A 102 -8.13 4.12 -11.23
C ILE A 102 -7.52 5.47 -11.56
N LEU A 103 -7.21 6.24 -10.52
CA LEU A 103 -6.51 7.52 -10.67
C LEU A 103 -5.07 7.36 -10.18
N LEU A 104 -4.11 7.51 -11.10
CA LEU A 104 -2.70 7.38 -10.76
C LEU A 104 -2.20 8.65 -10.07
N ALA A 105 -1.08 8.53 -9.35
CA ALA A 105 -0.49 9.67 -8.61
C ALA A 105 0.01 10.79 -9.54
N THR A 106 0.20 10.42 -10.80
CA THR A 106 0.61 11.33 -11.87
C THR A 106 -0.54 12.19 -12.40
N GLY A 107 -1.76 11.91 -11.92
CA GLY A 107 -2.96 12.62 -12.36
C GLY A 107 -3.67 11.98 -13.56
N LEU A 108 -3.12 10.86 -14.05
CA LEU A 108 -3.75 10.15 -15.15
C LEU A 108 -4.81 9.19 -14.63
N HIS A 109 -6.03 9.30 -15.17
CA HIS A 109 -7.08 8.30 -14.92
C HIS A 109 -6.92 7.20 -15.96
N VAL A 110 -6.91 5.95 -15.48
CA VAL A 110 -6.85 4.78 -16.36
C VAL A 110 -8.16 4.00 -16.24
N HIS A 111 -8.85 3.87 -17.36
CA HIS A 111 -10.12 3.15 -17.38
C HIS A 111 -9.90 1.65 -17.65
N ARG A 112 -10.80 0.83 -17.11
CA ARG A 112 -10.93 -0.61 -17.44
C ARG A 112 -10.62 -0.98 -18.88
N ASN A 113 -11.20 -0.24 -19.80
CA ASN A 113 -11.09 -0.54 -21.22
C ASN A 113 -9.63 -0.50 -21.68
N SER A 114 -8.89 0.49 -21.17
CA SER A 114 -7.48 0.66 -21.50
C SER A 114 -6.64 -0.50 -20.94
N ALA A 115 -6.91 -0.88 -19.70
CA ALA A 115 -6.23 -2.03 -19.11
C ALA A 115 -6.50 -3.32 -19.89
N HIS A 116 -7.77 -3.54 -20.21
CA HIS A 116 -8.15 -4.72 -20.99
C HIS A 116 -7.47 -4.73 -22.34
N SER A 117 -7.48 -3.59 -23.04
CA SER A 117 -6.86 -3.53 -24.36
C SER A 117 -5.31 -3.56 -24.34
N ALA A 118 -4.74 -3.55 -23.13
CA ALA A 118 -3.29 -3.69 -22.94
C ALA A 118 -2.87 -5.07 -22.43
N GLY A 119 -3.84 -5.99 -22.32
CA GLY A 119 -3.55 -7.36 -21.91
C GLY A 119 -3.45 -7.58 -20.42
N VAL A 120 -3.95 -6.64 -19.63
CA VAL A 120 -3.91 -6.75 -18.17
C VAL A 120 -5.29 -6.55 -17.53
N GLY A 121 -6.35 -6.92 -18.28
CA GLY A 121 -7.73 -6.70 -17.83
C GLY A 121 -8.13 -7.42 -16.57
N ALA A 122 -7.76 -8.70 -16.45
CA ALA A 122 -8.21 -9.54 -15.34
C ALA A 122 -7.72 -8.99 -14.00
N ILE A 123 -6.43 -8.68 -13.92
CA ILE A 123 -5.88 -8.16 -12.67
C ILE A 123 -6.45 -6.76 -12.35
N PHE A 124 -6.64 -5.94 -13.39
CA PHE A 124 -7.26 -4.62 -13.20
C PHE A 124 -8.66 -4.75 -12.58
N ASP A 125 -9.45 -5.68 -13.11
CA ASP A 125 -10.80 -5.92 -12.63
C ASP A 125 -10.82 -6.41 -11.17
N ARG A 126 -9.82 -7.20 -10.80
CA ARG A 126 -9.69 -7.62 -9.39
C ARG A 126 -9.50 -6.40 -8.49
N VAL A 127 -8.64 -5.47 -8.90
CA VAL A 127 -8.47 -4.25 -8.14
C VAL A 127 -9.83 -3.52 -7.97
N LEU A 128 -10.56 -3.37 -9.08
CA LEU A 128 -11.84 -2.67 -9.07
C LEU A 128 -12.87 -3.34 -8.17
N THR A 129 -13.01 -4.66 -8.30
CA THR A 129 -14.07 -5.39 -7.64
C THR A 129 -13.77 -5.75 -6.18
N GLU A 130 -12.50 -6.07 -5.90
CA GLU A 130 -12.11 -6.52 -4.54
C GLU A 130 -11.63 -5.39 -3.64
N LEU A 131 -11.14 -4.31 -4.25
CA LEU A 131 -10.63 -3.19 -3.46
C LEU A 131 -11.43 -1.90 -3.64
N VAL A 132 -11.39 -1.29 -4.84
CA VAL A 132 -11.99 0.03 -5.03
C VAL A 132 -13.49 0.05 -4.69
N SER A 133 -14.24 -0.87 -5.27
CA SER A 133 -15.70 -0.89 -5.09
C SER A 133 -16.09 -1.16 -3.64
N LYS A 134 -15.30 -2.00 -2.97
CA LYS A 134 -15.55 -2.34 -1.57
C LYS A 134 -15.20 -1.17 -0.65
N MET A 135 -14.09 -0.49 -0.92
CA MET A 135 -13.76 0.78 -0.25
C MET A 135 -14.87 1.81 -0.46
N ARG A 136 -15.37 1.92 -1.69
CA ARG A 136 -16.47 2.83 -2.01
C ARG A 136 -17.73 2.47 -1.24
N ASP A 137 -18.15 1.21 -1.31
CA ASP A 137 -19.42 0.77 -0.73
C ASP A 137 -19.51 0.94 0.78
N MET A 138 -18.39 0.78 1.49
CA MET A 138 -18.38 0.99 2.94
C MET A 138 -17.92 2.40 3.35
N GLN A 139 -17.64 3.24 2.35
CA GLN A 139 -17.07 4.58 2.57
C GLN A 139 -15.89 4.54 3.54
N MET A 140 -14.92 3.68 3.23
CA MET A 140 -13.69 3.61 4.02
C MET A 140 -13.08 5.00 4.06
N ASP A 141 -12.81 5.50 5.27
CA ASP A 141 -12.25 6.85 5.41
C ASP A 141 -10.72 6.82 5.45
N LYS A 142 -10.09 8.00 5.50
CA LYS A 142 -8.63 8.09 5.39
C LYS A 142 -7.91 7.62 6.65
N THR A 143 -8.54 7.77 7.81
CA THR A 143 -8.00 7.22 9.05
C THR A 143 -7.95 5.69 8.96
N GLU A 144 -9.05 5.10 8.49
CA GLU A 144 -9.14 3.65 8.34
C GLU A 144 -8.11 3.12 7.34
N LEU A 145 -8.03 3.77 6.18
CA LEU A 145 -7.00 3.42 5.18
C LEU A 145 -5.60 3.51 5.79
N GLY A 146 -5.35 4.61 6.51
CA GLY A 146 -4.06 4.82 7.15
C GLY A 146 -3.71 3.70 8.09
N CYS A 147 -4.67 3.27 8.90
CA CYS A 147 -4.47 2.21 9.87
C CYS A 147 -4.22 0.87 9.19
N LEU A 148 -5.01 0.57 8.15
CA LEU A 148 -4.77 -0.68 7.41
C LEU A 148 -3.36 -0.69 6.81
N ARG A 149 -2.94 0.45 6.28
CA ARG A 149 -1.57 0.55 5.71
C ARG A 149 -0.51 0.36 6.78
N ALA A 150 -0.70 0.99 7.95
CA ALA A 150 0.23 0.79 9.07
C ALA A 150 0.29 -0.67 9.53
N ILE A 151 -0.84 -1.37 9.51
CA ILE A 151 -0.88 -2.80 9.83
C ILE A 151 -0.03 -3.59 8.83
N VAL A 152 -0.20 -3.29 7.53
CA VAL A 152 0.60 -3.90 6.46
C VAL A 152 2.08 -3.57 6.65
N LEU A 153 2.37 -2.31 6.98
CA LEU A 153 3.76 -1.89 7.19
C LEU A 153 4.42 -2.72 8.30
N PHE A 154 3.77 -2.77 9.46
CA PHE A 154 4.26 -3.53 10.60
C PHE A 154 3.91 -5.02 10.45
N ASN A 155 4.54 -5.66 9.46
CA ASN A 155 4.30 -7.07 9.16
C ASN A 155 5.34 -7.94 9.86
N PRO A 156 4.94 -8.63 10.96
CA PRO A 156 5.90 -9.34 11.78
C PRO A 156 6.34 -10.65 11.14
N ASP A 157 5.69 -11.05 10.04
CA ASP A 157 6.08 -12.24 9.30
C ASP A 157 7.19 -11.97 8.27
N SER A 158 7.59 -10.71 8.16
CA SER A 158 8.68 -10.34 7.23
C SER A 158 9.98 -11.04 7.61
N LYS A 159 10.59 -11.70 6.64
CA LYS A 159 11.78 -12.52 6.88
C LYS A 159 13.01 -11.66 7.20
N GLY A 160 13.77 -12.08 8.21
CA GLY A 160 15.03 -11.40 8.54
C GLY A 160 14.96 -10.32 9.60
N LEU A 161 13.76 -10.02 10.10
CA LEU A 161 13.60 -9.02 11.16
C LEU A 161 14.45 -9.36 12.39
N SER A 162 15.16 -8.36 12.91
CA SER A 162 15.99 -8.52 14.10
C SER A 162 15.14 -8.75 15.36
N ASN A 163 13.93 -8.20 15.38
CA ASN A 163 13.01 -8.45 16.49
C ASN A 163 11.56 -8.46 16.02
N PRO A 164 11.09 -9.62 15.54
CA PRO A 164 9.70 -9.73 15.06
C PRO A 164 8.69 -9.36 16.14
N ALA A 165 8.99 -9.71 17.40
CA ALA A 165 8.10 -9.42 18.53
C ALA A 165 7.78 -7.92 18.66
N GLU A 166 8.80 -7.09 18.42
CA GLU A 166 8.67 -5.64 18.45
C GLU A 166 7.73 -5.15 17.34
N VAL A 167 7.88 -5.73 16.15
CA VAL A 167 7.01 -5.36 15.02
C VAL A 167 5.58 -5.84 15.30
N GLU A 168 5.46 -7.04 15.83
CA GLU A 168 4.15 -7.57 16.22
C GLU A 168 3.44 -6.64 17.22
N ALA A 169 4.19 -6.13 18.20
CA ALA A 169 3.62 -5.25 19.22
C ALA A 169 3.10 -3.95 18.60
N LEU A 170 3.83 -3.44 17.61
CA LEU A 170 3.41 -2.22 16.91
C LEU A 170 2.15 -2.46 16.08
N ARG A 171 2.10 -3.60 15.38
CA ARG A 171 0.89 -4.00 14.66
C ARG A 171 -0.33 -4.06 15.60
N GLU A 172 -0.13 -4.69 16.76
CA GLU A 172 -1.19 -4.83 17.78
C GLU A 172 -1.72 -3.48 18.24
N LYS A 173 -0.82 -2.51 18.43
CA LYS A 173 -1.21 -1.15 18.82
C LYS A 173 -2.04 -0.45 17.75
N VAL A 174 -1.62 -0.62 16.48
CA VAL A 174 -2.40 -0.06 15.38
C VAL A 174 -3.82 -0.64 15.35
N TYR A 175 -3.93 -1.96 15.39
CA TYR A 175 -5.27 -2.51 15.30
C TYR A 175 -6.17 -2.26 16.51
N ALA A 176 -5.56 -2.18 17.70
CA ALA A 176 -6.30 -1.73 18.88
C ALA A 176 -6.86 -0.32 18.67
N SER A 177 -6.00 0.59 18.18
CA SER A 177 -6.42 1.97 17.91
C SER A 177 -7.50 2.04 16.82
N LEU A 178 -7.35 1.20 15.79
CA LEU A 178 -8.33 1.15 14.71
C LEU A 178 -9.69 0.69 15.21
N GLU A 179 -9.71 -0.39 15.98
CA GLU A 179 -10.98 -0.88 16.52
C GLU A 179 -11.67 0.21 17.36
N ALA A 180 -10.94 0.80 18.31
CA ALA A 180 -11.50 1.87 19.13
C ALA A 180 -12.04 3.01 18.27
N TYR A 181 -11.32 3.35 17.20
CA TYR A 181 -11.75 4.39 16.26
C TYR A 181 -13.06 4.03 15.58
N CYS A 182 -13.14 2.81 15.05
CA CYS A 182 -14.35 2.33 14.39
C CYS A 182 -15.56 2.30 15.33
N LYS A 183 -15.34 1.79 16.54
CA LYS A 183 -16.41 1.71 17.55
C LYS A 183 -16.92 3.11 17.94
N HIS A 184 -16.02 4.09 17.96
CA HIS A 184 -16.36 5.47 18.32
C HIS A 184 -17.05 6.24 17.21
N LYS A 185 -16.53 6.11 15.98
CA LYS A 185 -16.98 6.92 14.84
C LYS A 185 -18.20 6.31 14.14
N TYR A 186 -18.25 4.98 14.13
CA TYR A 186 -19.31 4.23 13.46
C TYR A 186 -19.95 3.21 14.43
N PRO A 187 -20.52 3.68 15.54
CA PRO A 187 -21.07 2.78 16.56
C PRO A 187 -22.21 1.89 16.03
N GLU A 188 -22.89 2.34 14.98
CA GLU A 188 -24.00 1.60 14.37
C GLU A 188 -23.55 0.51 13.41
N GLN A 189 -22.22 0.37 13.25
CA GLN A 189 -21.64 -0.65 12.37
C GLN A 189 -20.70 -1.58 13.12
N PRO A 190 -21.25 -2.47 13.98
CA PRO A 190 -20.40 -3.35 14.80
C PRO A 190 -19.46 -4.26 13.97
N GLY A 191 -19.80 -4.52 12.71
CA GLY A 191 -18.97 -5.39 11.87
C GLY A 191 -17.82 -4.70 11.13
N ARG A 192 -17.72 -3.38 11.29
CA ARG A 192 -16.87 -2.56 10.40
C ARG A 192 -15.37 -2.86 10.53
N PHE A 193 -14.91 -3.02 11.76
CA PHE A 193 -13.50 -3.33 12.03
C PHE A 193 -13.10 -4.64 11.33
N ALA A 194 -13.89 -5.70 11.54
CA ALA A 194 -13.65 -6.96 10.85
C ALA A 194 -13.70 -6.78 9.32
N LYS A 195 -14.68 -6.03 8.85
CA LYS A 195 -14.81 -5.75 7.41
C LYS A 195 -13.52 -5.13 6.83
N LEU A 196 -12.95 -4.15 7.54
CA LEU A 196 -11.67 -3.56 7.14
C LEU A 196 -10.55 -4.59 7.07
N LEU A 197 -10.38 -5.34 8.16
CA LEU A 197 -9.30 -6.34 8.22
C LEU A 197 -9.45 -7.42 7.14
N LEU A 198 -10.69 -7.71 6.78
CA LEU A 198 -10.95 -8.75 5.79
C LEU A 198 -10.75 -8.33 4.34
N ARG A 199 -10.32 -7.09 4.11
CA ARG A 199 -9.77 -6.74 2.79
C ARG A 199 -8.28 -7.06 2.62
N LEU A 200 -7.60 -7.39 3.72
CA LEU A 200 -6.15 -7.65 3.65
C LEU A 200 -5.75 -8.91 2.87
N PRO A 201 -6.54 -10.00 2.95
CA PRO A 201 -6.20 -11.16 2.09
C PRO A 201 -6.27 -10.83 0.59
N ALA A 202 -7.34 -10.14 0.18
CA ALA A 202 -7.41 -9.67 -1.21
C ALA A 202 -6.22 -8.78 -1.57
N LEU A 203 -5.86 -7.86 -0.68
CA LEU A 203 -4.73 -6.97 -0.94
C LEU A 203 -3.45 -7.76 -1.13
N ARG A 204 -3.24 -8.78 -0.28
CA ARG A 204 -2.07 -9.66 -0.35
C ARG A 204 -2.03 -10.36 -1.72
N SER A 205 -3.14 -10.96 -2.13
CA SER A 205 -3.21 -11.70 -3.39
C SER A 205 -2.95 -10.79 -4.61
N ILE A 206 -3.59 -9.62 -4.58
CA ILE A 206 -3.47 -8.63 -5.67
C ILE A 206 -2.04 -8.11 -5.77
N GLY A 207 -1.42 -7.81 -4.63
CA GLY A 207 -0.01 -7.38 -4.57
C GLY A 207 0.91 -8.41 -5.23
N LEU A 208 0.68 -9.68 -4.91
CA LEU A 208 1.48 -10.75 -5.47
C LEU A 208 1.33 -10.86 -7.00
N LYS A 209 0.09 -10.73 -7.47
CA LYS A 209 -0.19 -10.83 -8.90
C LYS A 209 0.35 -9.64 -9.68
N CYS A 210 0.20 -8.43 -9.14
CA CYS A 210 0.82 -7.24 -9.75
C CYS A 210 2.33 -7.38 -9.83
N LEU A 211 2.94 -7.92 -8.78
CA LEU A 211 4.38 -8.18 -8.77
C LEU A 211 4.78 -9.15 -9.86
N GLU A 212 4.01 -10.23 -10.01
CA GLU A 212 4.28 -11.23 -11.05
C GLU A 212 4.29 -10.59 -12.44
N HIS A 213 3.28 -9.77 -12.72
CA HIS A 213 3.21 -9.01 -13.99
C HIS A 213 4.44 -8.13 -14.16
N LEU A 214 4.81 -7.39 -13.11
CA LEU A 214 5.97 -6.50 -13.18
C LEU A 214 7.26 -7.25 -13.51
N PHE A 215 7.48 -8.42 -12.90
CA PHE A 215 8.66 -9.22 -13.23
C PHE A 215 8.64 -9.63 -14.70
N PHE A 216 7.44 -9.95 -15.21
CA PHE A 216 7.30 -10.23 -16.63
C PHE A 216 7.63 -9.02 -17.51
N PHE A 217 7.16 -7.83 -17.14
CA PHE A 217 7.48 -6.62 -17.92
C PHE A 217 8.99 -6.44 -18.01
N LYS A 218 9.66 -6.67 -16.88
CA LYS A 218 11.12 -6.63 -16.80
C LYS A 218 11.75 -7.69 -17.72
N LEU A 219 11.24 -8.91 -17.65
CA LEU A 219 11.75 -10.03 -18.42
C LEU A 219 11.68 -9.76 -19.92
N ILE A 220 10.53 -9.29 -20.40
CA ILE A 220 10.32 -9.00 -21.83
C ILE A 220 11.12 -7.79 -22.29
N GLY A 221 11.29 -6.80 -21.41
CA GLY A 221 12.21 -5.70 -21.66
C GLY A 221 11.71 -4.56 -22.54
N ASP A 222 10.44 -4.56 -22.88
CA ASP A 222 9.86 -3.48 -23.69
C ASP A 222 9.55 -2.25 -22.83
N THR A 223 8.91 -2.50 -21.67
CA THR A 223 8.41 -1.46 -20.78
C THR A 223 9.54 -0.84 -19.93
N PRO A 224 9.71 0.50 -19.99
CA PRO A 224 10.64 1.22 -19.12
C PRO A 224 10.26 1.04 -17.65
N ILE A 225 11.24 0.66 -16.84
CA ILE A 225 11.07 0.53 -15.40
C ILE A 225 12.15 1.39 -14.75
N ASP A 226 11.74 2.42 -13.99
CA ASP A 226 12.70 3.37 -13.43
C ASP A 226 13.42 2.80 -12.19
N THR A 227 14.38 3.56 -11.66
CA THR A 227 15.38 2.98 -10.74
C THR A 227 14.83 2.41 -9.43
N PHE A 228 13.88 3.09 -8.78
CA PHE A 228 13.42 2.65 -7.45
C PHE A 228 12.55 1.39 -7.62
N LEU A 229 11.67 1.41 -8.62
CA LEU A 229 10.85 0.24 -8.93
C LEU A 229 11.75 -0.94 -9.27
N MET A 230 12.79 -0.69 -10.07
CA MET A 230 13.77 -1.72 -10.43
C MET A 230 14.49 -2.27 -9.19
N GLU A 231 14.86 -1.37 -8.28
CA GLU A 231 15.50 -1.80 -7.04
C GLU A 231 14.61 -2.73 -6.24
N MET A 232 13.31 -2.48 -6.25
CA MET A 232 12.36 -3.34 -5.53
C MET A 232 12.29 -4.75 -6.13
N LEU A 233 12.70 -4.87 -7.39
CA LEU A 233 12.73 -6.16 -8.10
C LEU A 233 14.05 -6.93 -7.94
N GLU A 234 15.00 -6.34 -7.24
CA GLU A 234 16.26 -7.01 -6.90
C GLU A 234 16.03 -8.12 -5.88
N ALA A 235 16.90 -9.13 -5.90
CA ALA A 235 16.93 -10.12 -4.81
C ALA A 235 17.38 -9.47 -3.49
N PRO A 236 17.00 -10.05 -2.34
CA PRO A 236 17.49 -9.57 -1.05
C PRO A 236 18.98 -9.89 -0.84
N HIS B 2 20.42 -2.56 -1.91
CA HIS B 2 19.20 -1.68 -1.96
C HIS B 2 19.57 -0.23 -1.62
N LYS B 3 20.40 0.38 -2.47
CA LYS B 3 20.99 1.67 -2.10
C LYS B 3 20.02 2.85 -2.02
N ILE B 4 19.00 2.91 -2.89
CA ILE B 4 18.07 4.04 -2.86
C ILE B 4 17.29 4.06 -1.55
N LEU B 5 16.70 2.92 -1.19
CA LEU B 5 15.94 2.80 0.05
C LEU B 5 16.76 3.16 1.30
N HIS B 6 17.99 2.63 1.39
CA HIS B 6 18.84 2.92 2.54
C HIS B 6 19.13 4.43 2.62
N ARG B 7 19.42 5.05 1.47
CA ARG B 7 19.76 6.49 1.43
C ARG B 7 18.59 7.35 1.88
N LEU B 8 17.39 6.99 1.41
CA LEU B 8 16.19 7.75 1.76
C LEU B 8 15.80 7.59 3.22
N LEU B 9 16.06 6.40 3.77
CA LEU B 9 15.67 6.11 5.16
C LEU B 9 16.65 6.68 6.16
N GLN B 10 17.89 6.86 5.72
CA GLN B 10 18.94 7.51 6.51
C GLN B 10 18.50 8.95 6.74
N ASP B 11 18.33 9.67 5.62
CA ASP B 11 17.84 11.06 5.57
C ASP B 11 18.15 11.67 4.19
CAA 3TN C . 3.71 -1.71 -12.01
OAR 3TN C . 2.86 -2.09 -10.96
CAV 3TN C . 1.53 -2.14 -11.27
CAN 3TN C . 1.08 -2.98 -12.29
CAY 3TN C . -0.28 -3.07 -12.63
CBA 3TN C . -0.69 -4.01 -13.79
CAB 3TN C . -0.25 -3.38 -15.14
CAC 3TN C . -0.05 -5.40 -13.65
CAP 3TN C . -2.22 -4.20 -13.78
CAQ 3TN C . -2.98 -2.89 -13.58
CBB 3TN C . -2.72 -2.27 -12.20
CAD 3TN C . -3.43 -3.07 -11.10
CAE 3TN C . -3.24 -0.83 -12.21
CAZ 3TN C . -1.20 -2.27 -11.90
CAO 3TN C . -0.73 -1.42 -10.88
CAX 3TN C . 0.63 -1.34 -10.53
CAW 3TN C . 1.04 -0.48 -9.49
CAM 3TN C . 0.76 0.89 -9.56
CAU 3TN C . 1.71 -0.97 -8.36
OAH 3TN C . 1.99 -2.32 -8.28
CAL 3TN C . 2.09 -0.08 -7.34
CAK 3TN C . 1.80 1.30 -7.42
CAT 3TN C . 1.14 1.81 -8.55
CAJ 3TN C . 0.74 3.15 -8.73
CAI 3TN C . 0.40 3.97 -7.65
CAS 3TN C . -0.08 5.28 -7.75
OAG 3TN C . -0.32 5.88 -6.68
OAF 3TN C . -0.25 5.82 -8.88
#